data_5LTU
#
_entry.id   5LTU
#
_cell.length_a   135.710
_cell.length_b   41.030
_cell.length_c   74.320
_cell.angle_alpha   90.000
_cell.angle_beta   122.550
_cell.angle_gamma   90.000
#
_symmetry.space_group_name_H-M   'C 1 2 1'
#
loop_
_entity.id
_entity.type
_entity.pdbx_description
1 polymer 'Diphosphoinositol polyphosphate phosphohydrolase 2'
2 non-polymer 1,2-ETHANEDIOL
3 water water
#
_entity_poly.entity_id   1
_entity_poly.type   'polypeptide(L)'
_entity_poly.pdbx_seq_one_letter_code
;MMKFKPNQTRTYDREGFKKRAACLCFRSEQEDEVLLVSSSRYPDQWIVPGGGMEPEEEPGGAAVREVYEEAGVKGKLGRL
LGIFENQDRKHRTYVYVLTVTEILEDWEDSVNIGRKREWFKVEDAIKVLQCHKPVHAEYLEKLKLGCSPANGNSTVPSLP
DNNALFVTAAQTSGLPSSVR
;
_entity_poly.pdbx_strand_id   A,B
#
loop_
_chem_comp.id
_chem_comp.type
_chem_comp.name
_chem_comp.formula
EDO non-polymer 1,2-ETHANEDIOL 'C2 H6 O2'
#
# COMPACT_ATOMS: atom_id res chain seq x y z
N THR A 9 1.73 -31.42 -15.93
CA THR A 9 2.78 -31.79 -14.98
C THR A 9 3.25 -30.57 -14.19
N ARG A 10 4.22 -30.81 -13.31
CA ARG A 10 4.80 -29.75 -12.47
C ARG A 10 6.23 -29.48 -12.91
N THR A 11 6.75 -28.31 -12.57
CA THR A 11 8.11 -27.94 -12.97
C THR A 11 8.82 -27.18 -11.85
N TYR A 12 10.14 -27.30 -11.80
CA TYR A 12 10.93 -26.83 -10.66
C TYR A 12 12.19 -26.09 -11.12
N ASP A 13 12.67 -25.14 -10.33
CA ASP A 13 13.96 -24.52 -10.60
C ASP A 13 15.11 -25.22 -9.87
N ARG A 14 16.32 -24.72 -10.08
CA ARG A 14 17.53 -25.39 -9.61
C ARG A 14 17.69 -25.35 -8.08
N GLU A 15 16.87 -24.54 -7.42
CA GLU A 15 16.91 -24.48 -5.96
C GLU A 15 15.78 -25.29 -5.33
N GLY A 16 15.01 -25.96 -6.18
CA GLY A 16 14.00 -26.90 -5.72
C GLY A 16 12.61 -26.31 -5.50
N PHE A 17 12.44 -25.04 -5.85
CA PHE A 17 11.14 -24.39 -5.75
C PHE A 17 10.20 -24.81 -6.86
N LYS A 18 8.92 -24.99 -6.57
CA LYS A 18 7.95 -25.22 -7.64
C LYS A 18 7.60 -23.89 -8.31
N LYS A 19 7.49 -23.91 -9.62
CA LYS A 19 7.18 -22.72 -10.41
C LYS A 19 5.68 -22.57 -10.67
N ARG A 20 5.15 -21.39 -10.34
CA ARG A 20 3.73 -21.11 -10.48
C ARG A 20 3.49 -19.77 -11.15
N ALA A 21 2.26 -19.54 -11.59
CA ALA A 21 1.87 -18.24 -12.09
C ALA A 21 0.44 -17.90 -11.67
N ALA A 22 0.19 -16.61 -11.39
CA ALA A 22 -1.13 -16.14 -11.02
C ALA A 22 -1.38 -14.77 -11.66
N CYS A 23 -2.63 -14.38 -11.79
CA CYS A 23 -2.89 -13.05 -12.33
C CYS A 23 -3.95 -12.25 -11.58
N LEU A 24 -3.70 -10.94 -11.48
CA LEU A 24 -4.67 -9.97 -11.00
C LEU A 24 -5.48 -9.40 -12.17
N CYS A 25 -6.73 -9.83 -12.29
CA CYS A 25 -7.56 -9.45 -13.44
C CYS A 25 -8.44 -8.25 -13.13
N PHE A 26 -8.26 -7.18 -13.90
CA PHE A 26 -8.96 -5.93 -13.63
C PHE A 26 -10.05 -5.63 -14.64
N ARG A 27 -11.06 -4.89 -14.17
CA ARG A 27 -12.21 -4.53 -14.98
C ARG A 27 -11.85 -3.50 -16.04
N SER A 28 -10.92 -2.61 -15.68
CA SER A 28 -10.51 -1.52 -16.56
C SER A 28 -9.02 -1.27 -16.44
N GLU A 29 -8.51 -0.36 -17.27
CA GLU A 29 -7.12 0.06 -17.22
C GLU A 29 -6.83 0.92 -15.99
N GLN A 30 -7.87 1.16 -15.19
CA GLN A 30 -7.73 1.99 -14.00
C GLN A 30 -7.31 1.19 -12.77
N GLU A 31 -7.39 -0.13 -12.87
CA GLU A 31 -6.88 -1.05 -11.85
C GLU A 31 -7.50 -0.80 -10.47
N ASP A 32 -8.81 -0.56 -10.47
CA ASP A 32 -9.54 -0.24 -9.23
C ASP A 32 -10.47 -1.37 -8.80
N GLU A 33 -10.92 -2.17 -9.76
CA GLU A 33 -11.76 -3.34 -9.48
C GLU A 33 -11.07 -4.62 -9.94
N VAL A 34 -10.89 -5.58 -9.03
CA VAL A 34 -10.22 -6.83 -9.35
C VAL A 34 -11.16 -8.04 -9.26
N LEU A 35 -10.96 -9.01 -10.15
CA LEU A 35 -11.79 -10.21 -10.21
C LEU A 35 -11.28 -11.34 -9.31
N LEU A 36 -12.14 -11.84 -8.43
CA LEU A 36 -11.79 -12.97 -7.57
C LEU A 36 -12.72 -14.15 -7.87
N VAL A 37 -12.31 -15.36 -7.48
CA VAL A 37 -13.12 -16.54 -7.72
C VAL A 37 -13.13 -17.46 -6.50
N SER A 38 -14.15 -18.33 -6.43
CA SER A 38 -14.29 -19.26 -5.32
C SER A 38 -13.34 -20.44 -5.40
N SER A 39 -12.93 -20.95 -4.25
CA SER A 39 -12.06 -22.12 -4.19
C SER A 39 -12.87 -23.40 -4.10
N PRO A 43 -15.53 -24.69 -0.64
CA PRO A 43 -15.24 -23.48 0.14
C PRO A 43 -16.04 -22.26 -0.34
N ASP A 44 -16.58 -21.51 0.60
CA ASP A 44 -17.14 -20.20 0.29
C ASP A 44 -16.02 -19.17 0.46
N GLN A 45 -14.86 -19.52 -0.07
CA GLN A 45 -13.64 -18.75 0.09
C GLN A 45 -13.21 -18.12 -1.22
N TRP A 46 -12.73 -16.88 -1.19
CA TRP A 46 -12.32 -16.21 -2.41
C TRP A 46 -10.81 -16.33 -2.59
N ILE A 47 -10.37 -16.47 -3.83
CA ILE A 47 -8.96 -16.54 -4.16
C ILE A 47 -8.62 -15.82 -5.48
N VAL A 48 -7.34 -15.52 -5.65
CA VAL A 48 -6.80 -15.08 -6.94
C VAL A 48 -6.52 -16.31 -7.80
N PRO A 49 -6.93 -16.26 -9.08
CA PRO A 49 -6.70 -17.41 -9.97
C PRO A 49 -5.21 -17.66 -10.26
N GLY A 50 -4.81 -18.92 -10.25
CA GLY A 50 -3.43 -19.29 -10.48
C GLY A 50 -3.19 -20.78 -10.33
N GLY A 51 -1.97 -21.21 -10.62
CA GLY A 51 -1.61 -22.61 -10.54
C GLY A 51 -0.19 -22.86 -11.04
N GLY A 52 0.17 -24.13 -11.14
CA GLY A 52 1.51 -24.52 -11.54
C GLY A 52 1.83 -24.23 -13.00
N MET A 53 3.10 -23.89 -13.26
CA MET A 53 3.60 -23.79 -14.63
C MET A 53 3.89 -25.17 -15.20
N GLU A 54 3.63 -25.35 -16.49
CA GLU A 54 3.95 -26.60 -17.16
C GLU A 54 5.41 -26.55 -17.66
N PRO A 55 6.04 -27.72 -17.85
CA PRO A 55 7.48 -27.84 -18.12
C PRO A 55 8.07 -26.95 -19.21
N GLU A 56 7.34 -26.68 -20.30
CA GLU A 56 7.91 -25.85 -21.37
C GLU A 56 7.34 -24.43 -21.46
N GLU A 57 6.46 -24.08 -20.53
CA GLU A 57 5.77 -22.80 -20.61
C GLU A 57 6.65 -21.64 -20.16
N GLU A 58 6.49 -20.50 -20.81
CA GLU A 58 6.98 -19.25 -20.26
C GLU A 58 5.96 -18.78 -19.22
N PRO A 59 6.39 -17.97 -18.24
CA PRO A 59 5.50 -17.55 -17.15
C PRO A 59 4.23 -16.83 -17.64
N GLY A 60 4.38 -15.97 -18.63
CA GLY A 60 3.25 -15.27 -19.22
C GLY A 60 2.22 -16.22 -19.83
N GLY A 61 2.69 -17.29 -20.46
CA GLY A 61 1.81 -18.30 -21.01
C GLY A 61 1.02 -19.04 -19.95
N ALA A 62 1.70 -19.41 -18.86
CA ALA A 62 1.05 -20.04 -17.73
C ALA A 62 -0.05 -19.17 -17.14
N ALA A 63 0.25 -17.87 -17.03
CA ALA A 63 -0.69 -16.92 -16.45
C ALA A 63 -1.98 -16.83 -17.26
N VAL A 64 -1.83 -16.69 -18.58
CA VAL A 64 -2.98 -16.58 -19.48
C VAL A 64 -3.81 -17.86 -19.48
N ARG A 65 -3.13 -19.01 -19.52
CA ARG A 65 -3.83 -20.29 -19.46
C ARG A 65 -4.62 -20.44 -18.16
N GLU A 66 -4.01 -20.04 -17.05
CA GLU A 66 -4.63 -20.17 -15.74
C GLU A 66 -5.89 -19.31 -15.56
N VAL A 67 -5.87 -18.07 -16.04
CA VAL A 67 -7.06 -17.22 -15.90
C VAL A 67 -8.19 -17.72 -16.78
N TYR A 68 -7.85 -18.36 -17.89
CA TYR A 68 -8.86 -18.99 -18.73
C TYR A 68 -9.46 -20.19 -18.02
N GLU A 69 -8.59 -21.12 -17.62
CA GLU A 69 -9.05 -22.33 -16.96
C GLU A 69 -9.73 -22.09 -15.61
N GLU A 70 -9.24 -21.12 -14.84
CA GLU A 70 -9.74 -20.96 -13.47
C GLU A 70 -10.80 -19.86 -13.30
N ALA A 71 -10.79 -18.84 -14.16
CA ALA A 71 -11.76 -17.76 -14.02
C ALA A 71 -12.60 -17.56 -15.26
N GLY A 72 -12.32 -18.35 -16.30
CA GLY A 72 -13.03 -18.28 -17.56
C GLY A 72 -13.04 -16.92 -18.23
N VAL A 73 -11.90 -16.24 -18.21
CA VAL A 73 -11.78 -14.95 -18.90
C VAL A 73 -10.63 -14.91 -19.89
N LYS A 74 -10.75 -13.98 -20.83
CA LYS A 74 -9.67 -13.67 -21.75
C LYS A 74 -9.40 -12.18 -21.66
N GLY A 75 -8.16 -11.76 -21.88
CA GLY A 75 -7.82 -10.36 -21.80
C GLY A 75 -6.42 -10.05 -22.27
N LYS A 76 -5.98 -8.82 -22.05
CA LYS A 76 -4.66 -8.40 -22.49
C LYS A 76 -3.66 -8.43 -21.34
N LEU A 77 -2.64 -9.30 -21.49
CA LEU A 77 -1.63 -9.48 -20.46
C LEU A 77 -0.81 -8.20 -20.30
N GLY A 78 -0.64 -7.76 -19.06
CA GLY A 78 0.15 -6.58 -18.78
C GLY A 78 1.47 -6.92 -18.12
N ARG A 79 1.88 -6.08 -17.18
CA ARG A 79 3.21 -6.21 -16.58
C ARG A 79 3.34 -7.31 -15.55
N LEU A 80 4.56 -7.82 -15.40
CA LEU A 80 4.92 -8.69 -14.29
C LEU A 80 5.05 -7.86 -13.01
N LEU A 81 4.18 -8.09 -12.05
CA LEU A 81 4.24 -7.36 -10.79
C LEU A 81 5.49 -7.78 -10.00
N GLY A 82 5.72 -9.09 -9.93
CA GLY A 82 6.93 -9.60 -9.30
C GLY A 82 6.91 -11.11 -9.16
N ILE A 83 8.01 -11.67 -8.66
CA ILE A 83 8.07 -13.07 -8.32
C ILE A 83 7.91 -13.23 -6.81
N PHE A 84 6.85 -13.89 -6.38
CA PHE A 84 6.57 -14.03 -4.96
C PHE A 84 7.03 -15.39 -4.44
N GLU A 85 7.95 -15.37 -3.50
CA GLU A 85 8.51 -16.59 -2.92
C GLU A 85 7.78 -16.98 -1.65
N ASN A 86 7.18 -18.16 -1.67
CA ASN A 86 6.52 -18.72 -0.49
C ASN A 86 7.38 -19.84 0.07
N GLN A 87 8.02 -19.58 1.22
CA GLN A 87 8.98 -20.52 1.76
C GLN A 87 8.31 -21.56 2.64
N ASP A 88 7.10 -21.26 3.10
CA ASP A 88 6.30 -22.24 3.83
C ASP A 88 5.89 -23.40 2.94
N ARG A 89 5.80 -23.14 1.64
CA ARG A 89 5.33 -24.12 0.68
C ARG A 89 6.35 -24.42 -0.41
N LYS A 90 7.48 -23.71 -0.37
CA LYS A 90 8.51 -23.79 -1.42
C LYS A 90 7.91 -23.52 -2.81
N HIS A 91 7.26 -22.36 -2.93
CA HIS A 91 6.72 -21.89 -4.20
C HIS A 91 7.48 -20.64 -4.67
N ARG A 92 7.56 -20.48 -5.99
CA ARG A 92 7.90 -19.17 -6.56
C ARG A 92 6.85 -18.83 -7.61
N THR A 93 6.09 -17.77 -7.35
CA THR A 93 4.95 -17.43 -8.19
C THR A 93 5.13 -16.13 -8.95
N TYR A 94 5.08 -16.21 -10.27
CA TYR A 94 5.05 -15.05 -11.14
C TYR A 94 3.66 -14.43 -11.17
N VAL A 95 3.51 -13.23 -10.62
CA VAL A 95 2.21 -12.57 -10.60
C VAL A 95 2.12 -11.45 -11.62
N TYR A 96 1.20 -11.60 -12.58
CA TYR A 96 0.97 -10.60 -13.62
C TYR A 96 -0.32 -9.82 -13.37
N VAL A 97 -0.42 -8.64 -13.98
CA VAL A 97 -1.71 -7.97 -14.12
C VAL A 97 -2.29 -8.20 -15.52
N LEU A 98 -3.61 -8.20 -15.62
CA LEU A 98 -4.28 -8.40 -16.90
C LEU A 98 -5.56 -7.58 -16.96
N THR A 99 -5.87 -7.08 -18.16
CA THR A 99 -7.10 -6.34 -18.39
C THR A 99 -8.14 -7.22 -19.09
N VAL A 100 -9.25 -7.48 -18.39
CA VAL A 100 -10.26 -8.41 -18.89
C VAL A 100 -11.01 -7.83 -20.09
N THR A 101 -11.18 -8.64 -21.13
CA THR A 101 -11.92 -8.20 -22.30
C THR A 101 -13.15 -9.06 -22.62
N GLU A 102 -13.11 -10.35 -22.25
CA GLU A 102 -14.25 -11.22 -22.51
C GLU A 102 -14.44 -12.27 -21.41
N ILE A 103 -15.68 -12.38 -20.95
CA ILE A 103 -16.05 -13.39 -19.96
C ILE A 103 -16.89 -14.47 -20.63
N LEU A 104 -16.80 -15.70 -20.12
CA LEU A 104 -17.49 -16.83 -20.73
C LEU A 104 -18.39 -17.51 -19.70
N GLU A 105 -19.53 -18.01 -20.16
CA GLU A 105 -20.41 -18.81 -19.32
C GLU A 105 -20.75 -20.14 -19.98
N GLY A 114 -20.32 -25.01 -9.97
CA GLY A 114 -20.90 -24.05 -9.05
C GLY A 114 -19.90 -23.00 -8.60
N ARG A 115 -18.81 -22.88 -9.35
CA ARG A 115 -17.76 -21.91 -9.04
C ARG A 115 -18.22 -20.49 -9.32
N LYS A 116 -17.89 -19.58 -8.41
CA LYS A 116 -18.35 -18.20 -8.52
C LYS A 116 -17.26 -17.21 -8.94
N ARG A 117 -17.69 -16.05 -9.46
CA ARG A 117 -16.80 -14.95 -9.80
C ARG A 117 -17.46 -13.62 -9.43
N GLU A 118 -16.69 -12.70 -8.87
CA GLU A 118 -17.23 -11.38 -8.55
C GLU A 118 -16.15 -10.30 -8.60
N TRP A 119 -16.55 -9.08 -8.95
CA TRP A 119 -15.64 -7.94 -8.94
C TRP A 119 -15.58 -7.33 -7.54
N PHE A 120 -14.37 -7.08 -7.07
CA PHE A 120 -14.18 -6.37 -5.81
C PHE A 120 -13.41 -5.09 -6.04
N LYS A 121 -13.81 -4.02 -5.35
CA LYS A 121 -12.95 -2.85 -5.28
C LYS A 121 -11.68 -3.33 -4.60
N VAL A 122 -10.53 -2.79 -5.01
CA VAL A 122 -9.24 -3.33 -4.56
C VAL A 122 -9.12 -3.33 -3.04
N GLU A 123 -9.56 -2.23 -2.42
CA GLU A 123 -9.47 -2.11 -0.96
C GLU A 123 -10.28 -3.18 -0.23
N ASP A 124 -11.44 -3.52 -0.78
CA ASP A 124 -12.26 -4.58 -0.20
C ASP A 124 -11.64 -5.95 -0.44
N ALA A 125 -11.02 -6.12 -1.60
CA ALA A 125 -10.38 -7.38 -1.97
C ALA A 125 -9.26 -7.72 -0.99
N ILE A 126 -8.46 -6.71 -0.65
CA ILE A 126 -7.37 -6.88 0.30
C ILE A 126 -7.92 -7.35 1.66
N LYS A 127 -9.02 -6.74 2.07
CA LYS A 127 -9.66 -7.11 3.34
C LYS A 127 -10.20 -8.53 3.35
N VAL A 128 -10.88 -8.94 2.29
CA VAL A 128 -11.49 -10.26 2.24
C VAL A 128 -10.46 -11.37 2.08
N LEU A 129 -9.35 -11.06 1.43
CA LEU A 129 -8.30 -12.06 1.21
C LEU A 129 -7.44 -12.24 2.46
N GLN A 130 -7.27 -11.15 3.21
CA GLN A 130 -6.50 -11.19 4.46
C GLN A 130 -7.11 -12.12 5.50
N CYS A 131 -8.37 -12.50 5.32
CA CYS A 131 -9.01 -13.46 6.21
C CYS A 131 -8.85 -14.92 5.79
N HIS A 132 -9.06 -15.22 4.51
CA HIS A 132 -9.00 -16.61 4.07
C HIS A 132 -7.77 -17.01 3.26
N LYS A 133 -7.09 -16.05 2.66
CA LYS A 133 -5.91 -16.35 1.85
C LYS A 133 -4.87 -15.23 1.87
N PRO A 134 -4.21 -15.02 3.02
CA PRO A 134 -3.37 -13.84 3.18
C PRO A 134 -2.16 -13.75 2.24
N VAL A 135 -1.69 -14.87 1.69
CA VAL A 135 -0.57 -14.80 0.74
C VAL A 135 -1.05 -14.16 -0.56
N HIS A 136 -2.32 -14.35 -0.89
CA HIS A 136 -2.91 -13.72 -2.07
C HIS A 136 -3.11 -12.22 -1.85
N ALA A 137 -3.44 -11.87 -0.61
CA ALA A 137 -3.58 -10.46 -0.22
C ALA A 137 -2.30 -9.67 -0.48
N GLU A 138 -1.14 -10.30 -0.29
CA GLU A 138 0.13 -9.62 -0.53
C GLU A 138 0.28 -9.19 -1.99
N TYR A 139 -0.28 -9.98 -2.91
CA TYR A 139 -0.21 -9.64 -4.32
C TYR A 139 -0.78 -8.24 -4.54
N LEU A 140 -1.99 -8.05 -4.01
CA LEU A 140 -2.69 -6.77 -4.13
C LEU A 140 -2.06 -5.65 -3.32
N GLU A 141 -1.56 -5.97 -2.14
CA GLU A 141 -0.89 -4.99 -1.29
C GLU A 141 0.30 -4.36 -1.98
N LYS A 142 1.19 -5.21 -2.51
CA LYS A 142 2.39 -4.77 -3.22
C LYS A 142 2.04 -3.95 -4.47
N LEU A 143 0.92 -4.29 -5.10
CA LEU A 143 0.42 -3.53 -6.24
C LEU A 143 0.13 -2.09 -5.85
N LYS A 144 -0.58 -1.93 -4.73
CA LYS A 144 -1.02 -0.61 -4.27
C LYS A 144 0.09 0.21 -3.65
N LEU A 145 1.10 -0.43 -3.08
CA LEU A 145 2.20 0.32 -2.47
C LEU A 145 3.15 0.76 -3.56
N GLY A 146 3.01 0.16 -4.74
CA GLY A 146 3.90 0.43 -5.85
C GLY A 146 3.37 1.60 -6.66
N GLN B 8 1.12 28.14 28.38
CA GLN B 8 0.74 26.78 28.04
C GLN B 8 0.74 26.58 26.52
N THR B 9 1.52 25.61 26.05
CA THR B 9 1.66 25.40 24.62
C THR B 9 1.26 23.99 24.18
N ARG B 10 0.90 23.15 25.14
CA ARG B 10 0.47 21.79 24.83
C ARG B 10 -1.01 21.66 25.10
N THR B 11 -1.66 20.69 24.47
CA THR B 11 -3.10 20.52 24.63
C THR B 11 -3.47 19.05 24.71
N TYR B 12 -4.53 18.75 25.45
CA TYR B 12 -4.88 17.39 25.81
C TYR B 12 -6.39 17.19 25.65
N ASP B 13 -6.81 15.97 25.35
CA ASP B 13 -8.25 15.67 25.38
C ASP B 13 -8.68 15.13 26.74
N ARG B 14 -9.97 14.83 26.86
CA ARG B 14 -10.58 14.48 28.13
C ARG B 14 -10.16 13.10 28.65
N GLU B 15 -9.50 12.33 27.78
CA GLU B 15 -8.99 11.02 28.18
C GLU B 15 -7.49 11.07 28.47
N GLY B 16 -6.91 12.26 28.40
CA GLY B 16 -5.54 12.48 28.82
C GLY B 16 -4.49 12.33 27.73
N PHE B 17 -4.91 12.12 26.49
CA PHE B 17 -3.99 12.01 25.38
C PHE B 17 -3.48 13.39 24.96
N LYS B 18 -2.21 13.50 24.59
CA LYS B 18 -1.72 14.75 24.01
C LYS B 18 -2.16 14.83 22.56
N LYS B 19 -2.59 16.01 22.14
CA LYS B 19 -3.06 16.22 20.77
C LYS B 19 -1.93 16.69 19.87
N ARG B 20 -1.76 15.99 18.75
CA ARG B 20 -0.69 16.25 17.79
C ARG B 20 -1.23 16.32 16.38
N ALA B 21 -0.41 16.85 15.47
CA ALA B 21 -0.75 16.85 14.05
C ALA B 21 0.48 16.57 13.19
N ALA B 22 0.26 15.87 12.08
CA ALA B 22 1.34 15.54 11.14
C ALA B 22 0.85 15.63 9.70
N CYS B 23 1.79 15.71 8.75
CA CYS B 23 1.41 15.63 7.33
C CYS B 23 2.25 14.69 6.51
N LEU B 24 1.58 14.02 5.58
CA LEU B 24 2.26 13.29 4.52
C LEU B 24 2.42 14.25 3.35
N CYS B 25 3.64 14.72 3.15
CA CYS B 25 3.91 15.77 2.17
C CYS B 25 4.34 15.16 0.85
N PHE B 26 3.56 15.39 -0.21
CA PHE B 26 3.84 14.74 -1.48
C PHE B 26 4.37 15.73 -2.53
N ARG B 27 5.16 15.19 -3.44
CA ARG B 27 5.77 15.96 -4.52
C ARG B 27 4.75 16.37 -5.58
N SER B 28 3.78 15.49 -5.81
CA SER B 28 2.76 15.73 -6.82
C SER B 28 1.41 15.21 -6.35
N GLU B 29 0.37 15.46 -7.14
CA GLU B 29 -0.97 14.98 -6.82
C GLU B 29 -1.13 13.47 -7.01
N GLN B 30 -0.08 12.80 -7.47
CA GLN B 30 -0.11 11.36 -7.68
C GLN B 30 0.33 10.59 -6.44
N GLU B 31 0.87 11.30 -5.46
CA GLU B 31 1.13 10.75 -4.14
C GLU B 31 2.05 9.53 -4.17
N ASP B 32 3.12 9.61 -4.95
CA ASP B 32 4.05 8.50 -5.12
C ASP B 32 5.36 8.78 -4.41
N GLU B 33 5.69 10.05 -4.24
CA GLU B 33 6.90 10.47 -3.53
C GLU B 33 6.55 11.29 -2.30
N VAL B 34 7.01 10.84 -1.14
CA VAL B 34 6.73 11.53 0.11
C VAL B 34 8.03 12.07 0.73
N LEU B 35 7.94 13.25 1.33
CA LEU B 35 9.11 13.89 1.94
C LEU B 35 9.28 13.49 3.40
N LEU B 36 10.46 12.97 3.74
CA LEU B 36 10.78 12.59 5.12
C LEU B 36 11.94 13.43 5.64
N VAL B 37 12.12 13.48 6.96
CA VAL B 37 13.17 14.27 7.58
C VAL B 37 13.90 13.54 8.70
N SER B 38 15.07 14.06 9.07
CA SER B 38 15.90 13.44 10.12
C SER B 38 15.34 13.66 11.52
N SER B 39 15.57 12.70 12.40
CA SER B 39 15.12 12.79 13.79
C SER B 39 16.20 13.38 14.70
N SER B 40 15.85 14.47 15.38
CA SER B 40 16.74 15.13 16.34
C SER B 40 18.11 15.44 15.76
N GLN B 45 18.14 8.26 11.49
CA GLN B 45 16.79 7.73 11.34
C GLN B 45 15.82 8.78 10.79
N TRP B 46 14.90 8.32 9.96
CA TRP B 46 13.92 9.17 9.31
C TRP B 46 12.56 9.20 10.01
N ILE B 47 11.86 10.34 9.93
CA ILE B 47 10.52 10.44 10.49
C ILE B 47 9.58 11.25 9.60
N VAL B 48 8.28 11.10 9.83
CA VAL B 48 7.26 11.98 9.24
C VAL B 48 7.16 13.23 10.09
N PRO B 49 7.19 14.42 9.45
CA PRO B 49 7.12 15.68 10.21
C PRO B 49 5.78 15.88 10.92
N GLY B 50 5.87 16.37 12.16
CA GLY B 50 4.68 16.57 12.97
C GLY B 50 5.05 17.04 14.37
N GLY B 51 4.03 17.34 15.18
CA GLY B 51 4.25 17.80 16.53
C GLY B 51 2.96 18.14 17.27
N GLY B 52 3.10 18.71 18.46
CA GLY B 52 1.94 19.03 19.29
C GLY B 52 1.08 20.15 18.75
N MET B 53 -0.23 20.03 18.98
CA MET B 53 -1.15 21.12 18.71
C MET B 53 -1.10 22.16 19.83
N GLU B 54 -1.20 23.43 19.47
CA GLU B 54 -1.25 24.50 20.47
C GLU B 54 -2.72 24.74 20.88
N PRO B 55 -2.94 25.32 22.08
CA PRO B 55 -4.27 25.43 22.71
C PRO B 55 -5.44 25.95 21.86
N GLU B 56 -5.22 26.90 20.96
CA GLU B 56 -6.34 27.42 20.18
C GLU B 56 -6.36 26.96 18.73
N GLU B 57 -5.41 26.09 18.37
CA GLU B 57 -5.27 25.69 16.98
C GLU B 57 -6.31 24.66 16.57
N GLU B 58 -6.77 24.76 15.33
CA GLU B 58 -7.45 23.66 14.67
C GLU B 58 -6.39 22.68 14.17
N PRO B 59 -6.73 21.39 14.02
CA PRO B 59 -5.73 20.39 13.62
C PRO B 59 -5.03 20.71 12.29
N GLY B 60 -5.80 21.18 11.31
CA GLY B 60 -5.23 21.59 10.03
C GLY B 60 -4.21 22.71 10.16
N GLY B 61 -4.48 23.66 11.06
CA GLY B 61 -3.55 24.74 11.34
C GLY B 61 -2.25 24.24 11.96
N ALA B 62 -2.38 23.34 12.92
CA ALA B 62 -1.23 22.71 13.56
C ALA B 62 -0.36 21.98 12.54
N ALA B 63 -1.02 21.25 11.63
CA ALA B 63 -0.34 20.47 10.61
C ALA B 63 0.48 21.35 9.68
N VAL B 64 -0.13 22.44 9.22
CA VAL B 64 0.52 23.37 8.32
C VAL B 64 1.72 24.06 8.99
N ARG B 65 1.53 24.49 10.24
CA ARG B 65 2.61 25.10 11.00
C ARG B 65 3.77 24.13 11.21
N GLU B 66 3.46 22.89 11.57
CA GLU B 66 4.49 21.89 11.86
C GLU B 66 5.35 21.50 10.65
N VAL B 67 4.76 21.36 9.48
CA VAL B 67 5.56 21.02 8.30
C VAL B 67 6.44 22.19 7.89
N TYR B 68 5.97 23.39 8.19
CA TYR B 68 6.75 24.59 7.95
C TYR B 68 7.96 24.62 8.88
N GLU B 69 7.69 24.55 10.19
CA GLU B 69 8.74 24.60 11.20
C GLU B 69 9.74 23.43 11.12
N GLU B 70 9.24 22.22 10.81
CA GLU B 70 10.08 21.03 10.89
C GLU B 70 10.69 20.58 9.56
N ALA B 71 10.03 20.90 8.45
CA ALA B 71 10.52 20.45 7.15
C ALA B 71 10.77 21.63 6.20
N GLY B 72 10.47 22.84 6.67
CA GLY B 72 10.67 24.02 5.86
C GLY B 72 9.93 24.00 4.53
N VAL B 73 8.69 23.54 4.55
CA VAL B 73 7.89 23.53 3.34
C VAL B 73 6.57 24.27 3.48
N LYS B 74 6.05 24.71 2.35
CA LYS B 74 4.72 25.28 2.24
C LYS B 74 4.00 24.52 1.15
N GLY B 75 2.68 24.40 1.27
CA GLY B 75 1.93 23.67 0.28
C GLY B 75 0.42 23.79 0.44
N LYS B 76 -0.29 22.97 -0.32
CA LYS B 76 -1.75 22.99 -0.31
C LYS B 76 -2.28 21.86 0.57
N LEU B 77 -2.93 22.22 1.66
CA LEU B 77 -3.44 21.24 2.61
C LEU B 77 -4.59 20.43 1.99
N GLY B 78 -4.51 19.12 2.09
CA GLY B 78 -5.57 18.27 1.57
C GLY B 78 -6.41 17.61 2.65
N ARG B 79 -6.80 16.37 2.40
CA ARG B 79 -7.76 15.69 3.27
C ARG B 79 -7.14 15.13 4.56
N LEU B 80 -7.98 14.99 5.57
CA LEU B 80 -7.62 14.29 6.79
C LEU B 80 -7.61 12.78 6.58
N LEU B 81 -6.45 12.16 6.69
CA LEU B 81 -6.34 10.71 6.55
C LEU B 81 -7.01 9.99 7.71
N GLY B 82 -6.70 10.43 8.93
CA GLY B 82 -7.32 9.87 10.11
C GLY B 82 -6.70 10.35 11.40
N ILE B 83 -7.27 9.94 12.53
CA ILE B 83 -6.67 10.19 13.83
C ILE B 83 -5.96 8.93 14.31
N PHE B 84 -4.64 9.00 14.45
CA PHE B 84 -3.86 7.82 14.81
C PHE B 84 -3.51 7.81 16.29
N GLU B 85 -3.95 6.77 16.99
CA GLU B 85 -3.72 6.65 18.43
C GLU B 85 -2.49 5.82 18.78
N ASN B 86 -1.55 6.46 19.47
CA ASN B 86 -0.37 5.79 19.99
C ASN B 86 -0.53 5.63 21.50
N GLN B 87 -0.77 4.41 21.94
CA GLN B 87 -1.13 4.15 23.33
C GLN B 87 0.10 3.99 24.21
N ASP B 88 1.21 3.62 23.59
CA ASP B 88 2.50 3.53 24.27
C ASP B 88 2.99 4.90 24.72
N ARG B 89 2.52 5.94 24.03
CA ARG B 89 2.98 7.30 24.27
C ARG B 89 1.84 8.21 24.69
N LYS B 90 0.63 7.65 24.68
CA LYS B 90 -0.59 8.41 24.95
C LYS B 90 -0.67 9.61 24.01
N HIS B 91 -0.56 9.35 22.71
CA HIS B 91 -0.71 10.36 21.67
C HIS B 91 -1.99 10.15 20.86
N ARG B 92 -2.58 11.23 20.38
CA ARG B 92 -3.56 11.14 19.29
C ARG B 92 -3.19 12.15 18.21
N THR B 93 -2.86 11.64 17.02
CA THR B 93 -2.32 12.47 15.94
C THR B 93 -3.24 12.58 14.73
N TYR B 94 -3.65 13.80 14.41
CA TYR B 94 -4.37 14.08 13.17
C TYR B 94 -3.40 14.09 11.99
N VAL B 95 -3.52 13.13 11.09
CA VAL B 95 -2.62 13.05 9.94
C VAL B 95 -3.27 13.51 8.63
N TYR B 96 -2.70 14.56 8.05
CA TYR B 96 -3.18 15.13 6.78
C TYR B 96 -2.28 14.77 5.60
N VAL B 97 -2.85 14.89 4.40
CA VAL B 97 -2.02 14.92 3.19
C VAL B 97 -1.84 16.36 2.73
N LEU B 98 -0.70 16.63 2.12
CA LEU B 98 -0.40 17.97 1.61
C LEU B 98 0.42 17.87 0.33
N THR B 99 0.16 18.76 -0.62
CA THR B 99 0.95 18.82 -1.84
C THR B 99 1.94 19.98 -1.76
N VAL B 100 3.22 19.66 -1.78
CA VAL B 100 4.28 20.64 -1.56
C VAL B 100 4.41 21.61 -2.74
N THR B 101 4.53 22.90 -2.43
CA THR B 101 4.73 23.91 -3.46
C THR B 101 6.05 24.66 -3.32
N GLU B 102 6.57 24.77 -2.09
CA GLU B 102 7.84 25.46 -1.88
C GLU B 102 8.72 24.88 -0.75
N ILE B 103 10.00 24.71 -1.04
CA ILE B 103 10.99 24.26 -0.06
C ILE B 103 11.86 25.46 0.30
N LEU B 104 12.41 25.51 1.53
CA LEU B 104 13.12 26.71 1.96
C LEU B 104 14.56 26.57 2.47
N GLU B 105 15.32 27.64 2.20
CA GLU B 105 16.64 27.97 2.75
C GLU B 105 17.57 26.90 3.33
N ASP B 106 18.31 27.31 4.36
CA ASP B 106 19.34 26.49 4.99
C ASP B 106 19.13 26.38 6.51
N TRP B 107 18.18 27.17 7.01
CA TRP B 107 17.78 27.16 8.42
C TRP B 107 18.86 27.65 9.37
N GLU B 108 18.68 27.37 10.66
CA GLU B 108 19.62 27.73 11.69
C GLU B 108 19.53 26.77 12.87
N ARG B 115 19.82 18.87 10.18
CA ARG B 115 18.68 18.02 9.80
C ARG B 115 18.53 17.96 8.28
N LYS B 116 18.29 16.76 7.76
CA LYS B 116 18.18 16.56 6.33
C LYS B 116 16.74 16.33 5.87
N ARG B 117 16.51 16.52 4.58
CA ARG B 117 15.21 16.25 3.97
C ARG B 117 15.41 15.58 2.61
N GLU B 118 14.63 14.54 2.34
CA GLU B 118 14.72 13.82 1.08
C GLU B 118 13.40 13.17 0.68
N TRP B 119 13.20 13.01 -0.63
CA TRP B 119 12.02 12.34 -1.15
C TRP B 119 12.21 10.83 -1.17
N PHE B 120 11.21 10.10 -0.69
CA PHE B 120 11.21 8.64 -0.79
C PHE B 120 10.02 8.19 -1.60
N LYS B 121 10.22 7.20 -2.47
CA LYS B 121 9.10 6.51 -3.07
C LYS B 121 8.38 5.85 -1.90
N VAL B 122 7.05 5.76 -1.99
CA VAL B 122 6.24 5.35 -0.84
C VAL B 122 6.66 4.00 -0.27
N GLU B 123 6.95 3.04 -1.16
CA GLU B 123 7.41 1.72 -0.74
C GLU B 123 8.73 1.81 0.03
N ASP B 124 9.59 2.73 -0.41
CA ASP B 124 10.88 2.93 0.24
C ASP B 124 10.74 3.60 1.61
N ALA B 125 9.80 4.52 1.71
CA ALA B 125 9.55 5.25 2.96
C ALA B 125 9.09 4.29 4.06
N ILE B 126 8.19 3.39 3.71
CA ILE B 126 7.68 2.39 4.64
C ILE B 126 8.81 1.51 5.18
N LYS B 127 9.73 1.11 4.31
CA LYS B 127 10.85 0.27 4.71
C LYS B 127 11.76 0.93 5.73
N VAL B 128 12.12 2.19 5.50
CA VAL B 128 13.02 2.89 6.39
C VAL B 128 12.33 3.29 7.70
N LEU B 129 11.02 3.52 7.63
CA LEU B 129 10.26 3.90 8.82
C LEU B 129 9.98 2.70 9.70
N GLN B 130 9.80 1.54 9.08
CA GLN B 130 9.57 0.30 9.84
C GLN B 130 10.75 0.00 10.74
N CYS B 131 11.89 0.60 10.42
CA CYS B 131 13.06 0.53 11.29
C CYS B 131 13.05 1.70 12.27
N HIS B 132 12.67 1.39 13.52
CA HIS B 132 12.62 2.33 14.65
C HIS B 132 11.38 3.23 14.79
N LYS B 133 10.56 3.39 13.75
CA LYS B 133 9.36 4.23 13.89
C LYS B 133 8.16 3.69 13.10
N PRO B 134 7.66 2.51 13.49
CA PRO B 134 6.62 1.80 12.74
C PRO B 134 5.24 2.47 12.72
N VAL B 135 4.95 3.34 13.69
CA VAL B 135 3.67 4.04 13.71
C VAL B 135 3.59 5.05 12.56
N HIS B 136 4.73 5.61 12.17
CA HIS B 136 4.77 6.52 11.04
C HIS B 136 4.55 5.74 9.74
N ALA B 137 5.11 4.54 9.69
CA ALA B 137 4.90 3.63 8.57
C ALA B 137 3.42 3.32 8.38
N GLU B 138 2.70 3.23 9.50
CA GLU B 138 1.27 2.95 9.50
C GLU B 138 0.47 4.03 8.77
N TYR B 139 0.94 5.28 8.85
CA TYR B 139 0.28 6.38 8.15
C TYR B 139 0.19 6.07 6.67
N LEU B 140 1.34 5.72 6.10
CA LEU B 140 1.45 5.45 4.67
C LEU B 140 0.72 4.19 4.24
N GLU B 141 0.79 3.15 5.07
CA GLU B 141 0.09 1.90 4.79
C GLU B 141 -1.43 2.11 4.68
N LYS B 142 -2.00 2.78 5.68
CA LYS B 142 -3.42 3.08 5.67
C LYS B 142 -3.83 3.96 4.50
N LEU B 143 -2.95 4.87 4.11
CA LEU B 143 -3.22 5.70 2.94
C LEU B 143 -3.35 4.88 1.67
N LYS B 144 -2.37 4.02 1.42
CA LYS B 144 -2.36 3.23 0.19
C LYS B 144 -3.27 2.00 0.22
N LEU B 145 -3.25 1.29 1.36
CA LEU B 145 -4.04 0.06 1.48
C LEU B 145 -5.42 0.23 2.12
N GLY B 146 -5.60 1.31 2.88
CA GLY B 146 -6.77 1.41 3.73
C GLY B 146 -6.58 0.42 4.86
N CYS B 147 -5.35 -0.10 4.94
CA CYS B 147 -5.00 -1.30 5.71
C CYS B 147 -6.14 -2.31 5.78
C1 EDO C . -2.58 -24.64 -7.10
O1 EDO C . -2.75 -23.28 -7.50
C2 EDO C . -1.25 -24.81 -6.38
O2 EDO C . -0.18 -24.79 -7.33
C1 EDO D . 6.16 -14.38 1.53
O1 EDO D . 6.21 -14.28 2.95
C2 EDO D . 6.96 -13.27 0.90
O2 EDO D . 8.35 -13.43 1.21
C1 EDO E . 8.92 -11.33 -3.03
O1 EDO E . 9.20 -12.37 -2.09
C2 EDO E . 10.11 -10.38 -3.13
O2 EDO E . 11.09 -10.92 -4.03
C1 EDO F . -16.04 -19.72 -13.15
O1 EDO F . -17.22 -19.17 -13.74
C2 EDO F . -14.99 -19.93 -14.24
O2 EDO F . -15.50 -20.87 -15.19
C1 EDO G . -19.99 -24.92 -17.04
O1 EDO G . -19.64 -23.88 -16.12
C2 EDO G . -19.53 -26.26 -16.48
O2 EDO G . -18.11 -26.22 -16.27
C1 EDO H . 5.81 10.88 16.76
O1 EDO H . 5.35 9.55 17.05
C2 EDO H . 6.60 11.44 17.93
O2 EDO H . 7.95 11.00 17.84
C1 EDO I . 21.50 21.91 12.56
O1 EDO I . 21.21 22.38 13.90
C2 EDO I . 21.63 20.39 12.58
O2 EDO I . 21.91 19.94 11.25
C1 EDO J . 19.07 10.45 15.99
O1 EDO J . 18.03 9.97 16.84
C2 EDO J . 18.86 9.93 14.57
O2 EDO J . 19.82 10.51 13.69
#